data_4QPN
#
_entry.id   4QPN
#
_cell.length_a   38.665
_cell.length_b   38.665
_cell.length_c   193.915
_cell.angle_alpha   90.000
_cell.angle_beta   90.000
_cell.angle_gamma   120.000
#
_symmetry.space_group_name_H-M   'P 61'
#
loop_
_entity.id
_entity.type
_entity.pdbx_description
1 polymer 'Protein-lysine methyltransferase METTL21B'
2 non-polymer S-ADENOSYL-L-HOMOCYSTEINE
3 non-polymer 'SULFATE ION'
4 non-polymer 'UNKNOWN ATOM OR ION'
5 water water
#
_entity_poly.entity_id   1
_entity_poly.type   'polypeptide(L)'
_entity_poly.pdbx_seq_one_letter_code
;GMADPGPDPESESESVFPREVGLFADSYSEKSQFCFCGHVLTITQNFGSRLGVAARVWDAALSLCNYFESQNVDFRGKKV
IELGAGTGIVGILAALQGGDVTITDLPLALEQIQGNVQANVPAGGQAQVRALSWGIDHHVFPANYDLVLGADIVYLEPTF
PLLLGTLQHLCRPHGTIYLASKMRKEHGTESFFQHLLPQHFQLELAQRDEDENVNIYRARHREPRPA
;
_entity_poly.pdbx_strand_id   A
#
loop_
_chem_comp.id
_chem_comp.type
_chem_comp.name
_chem_comp.formula
SO4 non-polymer 'SULFATE ION' 'O4 S -2'
UNX non-polymer 'UNKNOWN ATOM OR ION' ?
#
# COMPACT_ATOMS: atom_id res chain seq x y z
N ALA A 25 -2.65 27.92 -14.40
CA ALA A 25 -3.45 26.87 -15.08
C ALA A 25 -4.48 26.28 -14.15
N ASP A 26 -5.63 25.85 -14.66
CA ASP A 26 -6.63 25.13 -13.87
C ASP A 26 -6.00 23.81 -13.43
N SER A 27 -6.45 23.35 -12.26
CA SER A 27 -6.23 21.98 -11.86
C SER A 27 -6.94 21.08 -12.88
N TYR A 28 -6.40 19.89 -13.04
CA TYR A 28 -6.92 18.97 -14.06
C TYR A 28 -6.67 17.56 -13.61
N SER A 29 -7.33 16.63 -14.24
CA SER A 29 -7.08 15.29 -13.87
C SER A 29 -6.66 14.52 -15.10
N GLU A 30 -5.94 13.46 -14.86
CA GLU A 30 -5.54 12.53 -15.88
C GLU A 30 -6.05 11.19 -15.40
N LYS A 31 -6.60 10.39 -16.27
CA LYS A 31 -6.97 9.06 -16.00
C LYS A 31 -5.93 8.12 -16.54
N SER A 32 -5.61 7.12 -15.73
CA SER A 32 -4.75 6.02 -16.10
CA SER A 32 -4.81 6.02 -16.18
C SER A 32 -5.62 4.76 -16.09
N GLN A 33 -5.52 3.96 -17.11
CA GLN A 33 -6.34 2.76 -17.25
C GLN A 33 -5.57 1.54 -17.04
N PHE A 34 -6.15 0.60 -16.31
CA PHE A 34 -5.53 -0.64 -16.00
C PHE A 34 -6.56 -1.74 -16.08
N CYS A 35 -6.07 -2.96 -16.26
CA CYS A 35 -6.92 -4.15 -16.18
CA CYS A 35 -6.93 -4.15 -16.20
C CYS A 35 -6.11 -5.16 -15.45
N PHE A 36 -6.46 -5.41 -14.23
CA PHE A 36 -5.75 -6.36 -13.38
C PHE A 36 -6.74 -7.41 -12.99
N CYS A 37 -6.36 -8.69 -13.14
CA CYS A 37 -7.21 -9.79 -12.74
C CYS A 37 -8.57 -9.77 -13.46
N GLY A 38 -8.58 -9.20 -14.68
CA GLY A 38 -9.74 -9.02 -15.53
C GLY A 38 -10.62 -7.87 -15.19
N HIS A 39 -10.34 -7.11 -14.10
CA HIS A 39 -11.12 -5.95 -13.72
C HIS A 39 -10.61 -4.69 -14.33
N VAL A 40 -11.54 -3.80 -14.72
CA VAL A 40 -11.17 -2.46 -15.11
C VAL A 40 -10.81 -1.65 -13.90
N LEU A 41 -9.69 -0.93 -13.97
CA LEU A 41 -9.40 0.07 -12.95
C LEU A 41 -9.11 1.36 -13.68
N THR A 42 -9.99 2.34 -13.52
CA THR A 42 -9.76 3.66 -14.13
C THR A 42 -9.38 4.59 -12.97
N ILE A 43 -8.14 5.02 -12.95
CA ILE A 43 -7.59 5.73 -11.84
C ILE A 43 -7.38 7.19 -12.18
N THR A 44 -8.08 8.08 -11.45
CA THR A 44 -7.91 9.50 -11.64
C THR A 44 -6.80 10.00 -10.74
N GLN A 45 -5.93 10.76 -11.40
CA GLN A 45 -4.84 11.45 -10.76
CA GLN A 45 -4.84 11.45 -10.75
C GLN A 45 -5.14 12.93 -10.78
N ASN A 46 -5.19 13.57 -9.62
CA ASN A 46 -5.64 14.93 -9.53
C ASN A 46 -4.46 15.82 -9.40
N PHE A 47 -4.07 16.42 -10.55
CA PHE A 47 -2.87 17.27 -10.64
C PHE A 47 -3.24 18.75 -10.49
N GLY A 48 -2.32 19.56 -9.99
CA GLY A 48 -2.51 21.03 -9.90
C GLY A 48 -3.29 21.47 -8.70
N SER A 49 -3.72 20.51 -7.87
CA SER A 49 -4.55 20.84 -6.71
C SER A 49 -3.81 20.49 -5.40
N ARG A 50 -2.49 20.54 -5.45
CA ARG A 50 -1.65 20.53 -4.25
C ARG A 50 -1.60 19.13 -3.55
N LEU A 51 -1.87 18.07 -4.28
CA LEU A 51 -1.67 16.71 -3.74
C LEU A 51 -0.21 16.31 -3.76
N GLY A 52 0.60 16.98 -4.58
CA GLY A 52 1.98 16.58 -4.69
C GLY A 52 2.10 15.12 -5.07
N VAL A 53 3.00 14.39 -4.40
CA VAL A 53 3.28 13.02 -4.83
C VAL A 53 2.06 12.11 -4.69
N ALA A 54 1.10 12.47 -3.83
CA ALA A 54 -0.11 11.66 -3.64
C ALA A 54 -0.97 11.57 -4.88
N ALA A 55 -0.77 12.48 -5.85
CA ALA A 55 -1.58 12.49 -7.07
C ALA A 55 -1.22 11.37 -8.04
N ARG A 56 0.05 10.89 -8.02
CA ARG A 56 0.54 10.06 -9.06
CA ARG A 56 0.56 10.04 -9.06
C ARG A 56 0.40 8.56 -8.69
N VAL A 57 0.30 7.73 -9.72
CA VAL A 57 0.50 6.29 -9.59
C VAL A 57 1.98 6.03 -9.77
N TRP A 58 2.67 5.59 -8.72
CA TRP A 58 4.12 5.35 -8.76
C TRP A 58 4.39 3.89 -9.11
N ASP A 59 5.65 3.61 -9.45
CA ASP A 59 5.97 2.39 -10.10
C ASP A 59 5.74 1.15 -9.27
N ALA A 60 6.04 1.20 -7.99
CA ALA A 60 5.88 -0.02 -7.17
C ALA A 60 4.40 -0.40 -7.03
N ALA A 61 3.48 0.54 -7.18
CA ALA A 61 2.07 0.20 -7.16
C ALA A 61 1.71 -0.72 -8.30
N LEU A 62 2.20 -0.42 -9.49
CA LEU A 62 1.97 -1.26 -10.63
C LEU A 62 2.60 -2.63 -10.39
N SER A 63 3.83 -2.65 -9.88
CA SER A 63 4.47 -3.94 -9.60
CA SER A 63 4.48 -3.91 -9.62
C SER A 63 3.69 -4.76 -8.63
N LEU A 64 3.17 -4.10 -7.59
CA LEU A 64 2.44 -4.86 -6.54
C LEU A 64 1.12 -5.41 -7.08
N CYS A 65 0.45 -4.61 -7.88
CA CYS A 65 -0.80 -5.07 -8.51
C CYS A 65 -0.53 -6.24 -9.46
N ASN A 66 0.55 -6.14 -10.22
CA ASN A 66 0.90 -7.25 -11.10
C ASN A 66 1.25 -8.50 -10.31
N TYR A 67 1.84 -8.34 -9.14
CA TYR A 67 2.19 -9.47 -8.31
C TYR A 67 0.93 -10.08 -7.72
N PHE A 68 -0.04 -9.30 -7.25
CA PHE A 68 -1.27 -9.89 -6.77
C PHE A 68 -1.94 -10.72 -7.86
N GLU A 69 -1.82 -10.24 -9.09
CA GLU A 69 -2.39 -10.98 -10.25
C GLU A 69 -1.61 -12.23 -10.52
N SER A 70 -0.32 -12.11 -10.68
CA SER A 70 0.49 -13.24 -11.10
C SER A 70 0.54 -14.32 -10.05
N GLN A 71 0.51 -13.94 -8.78
CA GLN A 71 0.57 -14.91 -7.68
C GLN A 71 -0.79 -15.30 -7.17
N ASN A 72 -1.84 -14.78 -7.75
CA ASN A 72 -3.18 -15.07 -7.28
C ASN A 72 -3.31 -14.92 -5.78
N VAL A 73 -2.77 -13.82 -5.24
CA VAL A 73 -2.86 -13.60 -3.79
C VAL A 73 -4.33 -13.60 -3.34
N ASP A 74 -4.65 -14.30 -2.25
CA ASP A 74 -6.03 -14.47 -1.83
C ASP A 74 -6.41 -13.35 -0.86
N PHE A 75 -7.39 -12.55 -1.27
CA PHE A 75 -7.96 -11.47 -0.46
C PHE A 75 -9.32 -11.80 0.04
N ARG A 76 -9.90 -12.91 -0.41
CA ARG A 76 -11.31 -13.13 -0.21
CA ARG A 76 -11.33 -13.03 -0.22
C ARG A 76 -11.68 -13.15 1.27
N GLY A 77 -12.51 -12.20 1.70
CA GLY A 77 -12.93 -12.15 3.09
C GLY A 77 -11.89 -11.67 4.12
N LYS A 78 -10.64 -11.43 3.68
CA LYS A 78 -9.55 -11.02 4.57
C LYS A 78 -9.74 -9.54 4.92
N LYS A 79 -9.33 -9.13 6.10
CA LYS A 79 -9.39 -7.72 6.56
C LYS A 79 -8.07 -7.04 6.18
N VAL A 80 -8.18 -6.05 5.27
CA VAL A 80 -7.01 -5.49 4.57
C VAL A 80 -6.97 -3.99 4.89
N ILE A 81 -5.77 -3.49 5.17
CA ILE A 81 -5.59 -2.04 5.25
C ILE A 81 -4.41 -1.62 4.36
N GLU A 82 -4.59 -0.55 3.58
CA GLU A 82 -3.52 0.05 2.81
C GLU A 82 -3.10 1.34 3.44
N LEU A 83 -1.76 1.54 3.55
CA LEU A 83 -1.15 2.77 4.07
C LEU A 83 -0.61 3.60 2.90
N GLY A 84 -0.70 4.92 3.01
CA GLY A 84 -0.12 5.80 1.98
C GLY A 84 -0.66 5.47 0.62
N ALA A 85 -1.97 5.27 0.49
CA ALA A 85 -2.53 4.79 -0.74
C ALA A 85 -2.43 5.70 -1.97
N GLY A 86 -2.33 6.99 -1.76
CA GLY A 86 -2.17 7.95 -2.89
C GLY A 86 -3.49 8.07 -3.70
N THR A 87 -3.51 7.41 -4.83
CA THR A 87 -4.71 7.28 -5.64
C THR A 87 -5.67 6.19 -5.15
N GLY A 88 -5.18 5.26 -4.38
CA GLY A 88 -5.99 4.13 -3.94
C GLY A 88 -5.87 2.88 -4.81
N ILE A 89 -5.06 2.89 -5.85
CA ILE A 89 -5.04 1.83 -6.81
C ILE A 89 -4.85 0.45 -6.20
N VAL A 90 -3.86 0.25 -5.30
CA VAL A 90 -3.61 -1.08 -4.76
C VAL A 90 -4.77 -1.57 -3.93
N GLY A 91 -5.28 -0.74 -3.05
CA GLY A 91 -6.39 -1.16 -2.21
C GLY A 91 -7.65 -1.43 -3.01
N ILE A 92 -7.85 -0.69 -4.09
CA ILE A 92 -8.99 -0.93 -4.99
C ILE A 92 -8.87 -2.31 -5.58
N LEU A 93 -7.69 -2.69 -6.06
CA LEU A 93 -7.54 -4.04 -6.58
C LEU A 93 -7.84 -5.08 -5.47
N ALA A 94 -7.32 -4.84 -4.28
CA ALA A 94 -7.61 -5.78 -3.19
C ALA A 94 -9.10 -5.93 -2.95
N ALA A 95 -9.84 -4.84 -3.02
CA ALA A 95 -11.28 -4.88 -2.86
C ALA A 95 -11.95 -5.61 -4.03
N LEU A 96 -11.50 -5.37 -5.25
CA LEU A 96 -12.05 -6.12 -6.40
C LEU A 96 -11.81 -7.62 -6.31
N GLN A 97 -10.74 -8.03 -5.63
CA GLN A 97 -10.39 -9.41 -5.34
C GLN A 97 -11.14 -9.96 -4.12
N GLY A 98 -12.04 -9.19 -3.53
CA GLY A 98 -12.82 -9.71 -2.42
C GLY A 98 -12.36 -9.39 -1.02
N GLY A 99 -11.33 -8.53 -0.89
CA GLY A 99 -10.92 -8.13 0.43
C GLY A 99 -11.91 -7.21 1.13
N ASP A 100 -11.86 -7.17 2.45
CA ASP A 100 -12.58 -6.17 3.25
C ASP A 100 -11.60 -5.05 3.53
N VAL A 101 -11.62 -4.01 2.71
CA VAL A 101 -10.46 -3.13 2.60
C VAL A 101 -10.73 -1.80 3.22
N THR A 102 -9.73 -1.31 3.96
CA THR A 102 -9.65 0.07 4.46
C THR A 102 -8.47 0.73 3.79
N ILE A 103 -8.72 1.80 3.04
CA ILE A 103 -7.70 2.49 2.25
C ILE A 103 -7.41 3.81 2.92
N THR A 104 -6.14 4.03 3.29
CA THR A 104 -5.77 5.18 4.11
C THR A 104 -4.62 5.99 3.48
N ASP A 105 -4.58 7.25 3.90
CA ASP A 105 -3.53 8.19 3.53
C ASP A 105 -3.69 9.37 4.50
N LEU A 106 -2.96 10.43 4.24
CA LEU A 106 -3.20 11.71 4.89
C LEU A 106 -4.55 12.31 4.37
N PRO A 107 -5.15 13.23 5.13
CA PRO A 107 -6.40 13.86 4.70
C PRO A 107 -6.34 14.43 3.29
N LEU A 108 -5.22 14.97 2.85
CA LEU A 108 -5.15 15.59 1.56
C LEU A 108 -5.48 14.66 0.39
N ALA A 109 -5.33 13.33 0.56
CA ALA A 109 -5.51 12.40 -0.56
C ALA A 109 -6.89 11.74 -0.57
N LEU A 110 -7.67 11.91 0.51
CA LEU A 110 -8.83 11.06 0.68
C LEU A 110 -9.93 11.29 -0.36
N GLU A 111 -10.12 12.53 -0.77
CA GLU A 111 -11.13 12.78 -1.79
CA GLU A 111 -11.13 12.82 -1.81
C GLU A 111 -10.80 12.10 -3.10
N GLN A 112 -9.51 12.13 -3.47
CA GLN A 112 -9.05 11.43 -4.67
C GLN A 112 -9.33 9.93 -4.56
N ILE A 113 -8.91 9.36 -3.41
CA ILE A 113 -9.11 7.95 -3.18
C ILE A 113 -10.62 7.57 -3.28
N GLN A 114 -11.45 8.37 -2.60
CA GLN A 114 -12.88 8.09 -2.58
C GLN A 114 -13.44 8.12 -4.00
N GLY A 115 -13.00 9.06 -4.81
CA GLY A 115 -13.45 9.07 -6.21
C GLY A 115 -13.10 7.80 -6.94
N ASN A 116 -11.85 7.34 -6.74
CA ASN A 116 -11.40 6.14 -7.43
C ASN A 116 -12.12 4.87 -6.90
N VAL A 117 -12.43 4.88 -5.60
CA VAL A 117 -13.26 3.77 -5.08
C VAL A 117 -14.65 3.75 -5.76
N GLN A 118 -15.30 4.93 -5.78
CA GLN A 118 -16.63 5.02 -6.36
C GLN A 118 -16.62 4.63 -7.85
N ALA A 119 -15.54 4.98 -8.54
CA ALA A 119 -15.47 4.68 -9.94
C ALA A 119 -15.34 3.22 -10.28
N ASN A 120 -14.71 2.46 -9.38
CA ASN A 120 -14.21 1.12 -9.69
C ASN A 120 -14.77 -0.04 -8.87
N VAL A 121 -15.22 0.21 -7.64
CA VAL A 121 -15.57 -0.89 -6.74
C VAL A 121 -17.10 -1.08 -6.80
N PRO A 122 -17.57 -2.29 -7.12
CA PRO A 122 -19.02 -2.56 -7.28
C PRO A 122 -19.74 -2.64 -5.95
N ALA A 123 -21.04 -2.76 -6.00
CA ALA A 123 -21.88 -2.78 -4.80
C ALA A 123 -21.52 -3.84 -3.77
N GLY A 124 -21.11 -4.99 -4.24
CA GLY A 124 -20.68 -6.04 -3.35
C GLY A 124 -19.24 -5.97 -2.88
N GLY A 125 -18.49 -5.00 -3.33
CA GLY A 125 -17.12 -4.84 -2.85
C GLY A 125 -17.09 -4.03 -1.55
N GLN A 126 -16.04 -4.22 -0.76
CA GLN A 126 -15.88 -3.57 0.56
C GLN A 126 -14.62 -2.71 0.54
N ALA A 127 -14.77 -1.39 0.45
CA ALA A 127 -13.63 -0.47 0.41
C ALA A 127 -13.97 0.83 1.08
N GLN A 128 -13.53 1.03 2.31
CA GLN A 128 -13.76 2.26 3.04
C GLN A 128 -12.50 3.10 3.00
N VAL A 129 -12.63 4.39 3.24
CA VAL A 129 -11.53 5.32 3.12
C VAL A 129 -11.41 6.02 4.42
N ARG A 130 -10.22 6.08 4.99
CA ARG A 130 -10.01 6.81 6.25
C ARG A 130 -8.64 7.44 6.32
N ALA A 131 -8.52 8.53 7.07
CA ALA A 131 -7.23 9.14 7.36
C ALA A 131 -6.38 8.23 8.27
N LEU A 132 -5.12 8.07 7.96
CA LEU A 132 -4.19 7.43 8.94
C LEU A 132 -2.81 8.07 8.69
N SER A 133 -2.49 9.06 9.52
CA SER A 133 -1.16 9.69 9.53
C SER A 133 -0.28 8.76 10.37
N TRP A 134 0.75 8.21 9.74
CA TRP A 134 1.52 7.15 10.38
C TRP A 134 2.04 7.57 11.75
N GLY A 135 1.83 6.68 12.73
CA GLY A 135 2.35 6.88 14.09
C GLY A 135 1.65 7.93 14.87
N ILE A 136 0.62 8.59 14.31
CA ILE A 136 -0.20 9.61 14.98
C ILE A 136 -1.61 9.09 15.14
N ASP A 137 -2.21 8.52 14.09
CA ASP A 137 -3.57 8.07 14.09
C ASP A 137 -3.70 6.54 14.20
N HIS A 138 -2.61 5.77 14.39
CA HIS A 138 -2.74 4.34 14.33
C HIS A 138 -3.61 3.75 15.46
N HIS A 139 -3.68 4.40 16.60
CA HIS A 139 -4.52 3.91 17.70
C HIS A 139 -6.00 4.19 17.55
N VAL A 140 -6.42 4.81 16.46
CA VAL A 140 -7.88 4.85 16.15
C VAL A 140 -8.23 3.81 15.12
N PHE A 141 -7.37 2.84 14.90
CA PHE A 141 -7.63 1.67 14.11
C PHE A 141 -7.37 0.45 14.99
N PRO A 142 -8.04 -0.64 14.68
CA PRO A 142 -7.79 -1.84 15.43
C PRO A 142 -6.45 -2.49 15.04
N ALA A 143 -6.14 -3.54 15.80
CA ALA A 143 -4.86 -4.21 15.71
C ALA A 143 -4.95 -5.57 15.07
N ASN A 144 -6.00 -5.79 14.28
CA ASN A 144 -6.45 -7.11 13.87
C ASN A 144 -6.57 -7.29 12.37
N TYR A 145 -5.74 -6.56 11.62
CA TYR A 145 -5.81 -6.74 10.13
C TYR A 145 -5.04 -7.93 9.66
N ASP A 146 -5.65 -8.68 8.75
CA ASP A 146 -4.99 -9.82 8.13
C ASP A 146 -3.90 -9.45 7.18
N LEU A 147 -4.07 -8.33 6.46
CA LEU A 147 -3.15 -7.91 5.37
C LEU A 147 -2.94 -6.42 5.52
N VAL A 148 -1.67 -6.01 5.52
CA VAL A 148 -1.33 -4.61 5.58
C VAL A 148 -0.47 -4.33 4.33
N LEU A 149 -0.90 -3.35 3.52
CA LEU A 149 -0.27 -3.11 2.21
C LEU A 149 0.33 -1.74 2.12
N GLY A 150 1.46 -1.61 1.47
CA GLY A 150 2.07 -0.31 1.22
C GLY A 150 2.93 -0.32 0.01
N ALA A 151 2.62 0.48 -1.00
CA ALA A 151 3.42 0.61 -2.21
C ALA A 151 4.01 2.01 -2.26
N ASP A 152 5.30 2.11 -2.54
CA ASP A 152 5.93 3.46 -2.64
C ASP A 152 5.76 4.30 -1.42
N ILE A 153 5.84 3.70 -0.24
CA ILE A 153 5.67 4.43 1.00
C ILE A 153 6.93 4.49 1.84
N VAL A 154 8.05 3.96 1.33
CA VAL A 154 9.32 4.01 2.03
C VAL A 154 10.19 5.03 1.29
N TYR A 155 10.18 6.26 1.73
CA TYR A 155 10.86 7.35 1.02
C TYR A 155 11.18 8.55 1.87
N LEU A 156 10.59 8.62 3.06
CA LEU A 156 10.78 9.77 3.98
C LEU A 156 11.44 9.29 5.25
N GLU A 157 12.78 9.31 5.30
CA GLU A 157 13.53 8.72 6.39
CA GLU A 157 13.52 8.69 6.40
C GLU A 157 13.05 9.20 7.76
N PRO A 158 12.72 10.49 7.90
CA PRO A 158 12.27 10.91 9.27
C PRO A 158 10.97 10.23 9.75
N THR A 159 10.17 9.71 8.82
CA THR A 159 8.94 9.00 9.13
C THR A 159 9.13 7.56 9.49
N PHE A 160 10.32 7.00 9.28
CA PHE A 160 10.46 5.55 9.39
C PHE A 160 9.98 4.97 10.72
N PRO A 161 10.36 5.59 11.87
CA PRO A 161 9.88 4.94 13.13
C PRO A 161 8.35 4.99 13.25
N LEU A 162 7.74 6.05 12.71
CA LEU A 162 6.29 6.19 12.71
C LEU A 162 5.67 5.08 11.86
N LEU A 163 6.21 4.86 10.67
CA LEU A 163 5.70 3.78 9.83
C LEU A 163 5.88 2.43 10.50
N LEU A 164 7.08 2.18 11.06
CA LEU A 164 7.37 0.90 11.74
CA LEU A 164 7.36 0.90 11.69
C LEU A 164 6.33 0.61 12.81
N GLY A 165 6.07 1.61 13.67
CA GLY A 165 5.13 1.38 14.74
C GLY A 165 3.73 1.17 14.25
N THR A 166 3.39 1.80 13.11
CA THR A 166 2.07 1.63 12.52
C THR A 166 1.91 0.20 12.01
N LEU A 167 2.94 -0.29 11.32
CA LEU A 167 2.90 -1.65 10.84
C LEU A 167 2.73 -2.66 11.96
N GLN A 168 3.50 -2.43 13.05
CA GLN A 168 3.40 -3.32 14.21
C GLN A 168 2.01 -3.41 14.78
N HIS A 169 1.41 -2.23 14.91
CA HIS A 169 0.06 -2.16 15.50
C HIS A 169 -0.98 -2.80 14.61
N LEU A 170 -0.98 -2.53 13.30
CA LEU A 170 -2.09 -2.96 12.45
C LEU A 170 -2.10 -4.42 12.16
N CYS A 171 -0.91 -4.99 11.96
CA CYS A 171 -0.80 -6.38 11.52
C CYS A 171 -1.13 -7.31 12.69
N ARG A 172 -2.14 -8.14 12.51
CA ARG A 172 -2.50 -9.05 13.58
C ARG A 172 -1.42 -10.09 13.77
N PRO A 173 -1.47 -10.84 14.88
CA PRO A 173 -0.35 -11.77 15.13
C PRO A 173 -0.01 -12.70 13.95
N HIS A 174 -1.01 -13.24 13.27
CA HIS A 174 -0.78 -14.14 12.15
C HIS A 174 -1.02 -13.43 10.84
N GLY A 175 -0.92 -12.08 10.83
CA GLY A 175 -1.14 -11.33 9.63
C GLY A 175 0.11 -11.22 8.78
N THR A 176 -0.05 -10.63 7.59
CA THR A 176 1.03 -10.46 6.65
C THR A 176 1.07 -9.00 6.15
N ILE A 177 2.27 -8.44 6.05
CA ILE A 177 2.51 -7.14 5.47
C ILE A 177 3.12 -7.33 4.10
N TYR A 178 2.63 -6.60 3.09
CA TYR A 178 3.28 -6.52 1.78
C TYR A 178 3.74 -5.07 1.56
N LEU A 179 5.04 -4.87 1.31
CA LEU A 179 5.59 -3.58 0.97
C LEU A 179 6.31 -3.64 -0.31
N ALA A 180 6.01 -2.74 -1.25
CA ALA A 180 6.68 -2.72 -2.56
C ALA A 180 7.34 -1.36 -2.73
N SER A 181 8.62 -1.37 -3.08
CA SER A 181 9.39 -0.14 -3.20
C SER A 181 10.35 -0.20 -4.35
N LYS A 182 10.50 0.96 -4.98
CA LYS A 182 11.61 1.21 -5.90
C LYS A 182 12.80 1.45 -5.05
N MET A 183 13.84 0.68 -5.33
CA MET A 183 14.98 0.75 -4.47
C MET A 183 15.75 2.10 -4.79
N ARG A 184 15.89 2.93 -3.77
CA ARG A 184 16.61 4.24 -3.90
CA ARG A 184 16.56 4.26 -3.85
C ARG A 184 17.32 4.44 -2.56
N LYS A 185 18.59 4.08 -2.56
CA LYS A 185 19.40 4.13 -1.34
C LYS A 185 19.42 5.48 -0.69
N GLU A 186 19.45 6.52 -1.51
CA GLU A 186 19.50 7.89 -0.92
C GLU A 186 18.26 8.31 -0.20
N HIS A 187 17.15 7.61 -0.39
CA HIS A 187 15.95 7.89 0.42
C HIS A 187 15.75 6.91 1.55
N GLY A 188 16.76 6.10 1.85
CA GLY A 188 16.64 5.25 3.03
C GLY A 188 16.04 3.85 2.80
N THR A 189 15.80 3.43 1.55
CA THR A 189 15.15 2.14 1.40
C THR A 189 15.97 0.98 1.95
N GLU A 190 17.28 1.00 1.74
CA GLU A 190 18.10 -0.09 2.28
C GLU A 190 18.12 -0.05 3.82
N SER A 191 18.19 1.14 4.39
CA SER A 191 18.12 1.29 5.82
C SER A 191 16.83 0.64 6.37
N PHE A 192 15.71 0.96 5.68
CA PHE A 192 14.43 0.46 6.14
C PHE A 192 14.35 -1.07 6.07
N PHE A 193 14.60 -1.58 4.85
CA PHE A 193 14.39 -2.99 4.60
C PHE A 193 15.51 -3.88 5.11
N GLN A 194 16.70 -3.30 5.26
CA GLN A 194 17.86 -4.13 5.65
C GLN A 194 18.39 -3.83 7.03
N HIS A 195 17.74 -2.95 7.79
CA HIS A 195 18.07 -2.69 9.16
C HIS A 195 16.82 -2.58 10.04
N LEU A 196 15.95 -1.63 9.71
CA LEU A 196 14.88 -1.38 10.67
C LEU A 196 13.80 -2.45 10.72
N LEU A 197 13.28 -2.79 9.54
CA LEU A 197 12.22 -3.78 9.45
C LEU A 197 12.57 -5.18 9.96
N PRO A 198 13.81 -5.70 9.69
CA PRO A 198 14.10 -7.07 10.15
C PRO A 198 14.24 -7.33 11.66
N GLN A 199 14.40 -6.27 12.40
CA GLN A 199 14.52 -6.48 13.85
CA GLN A 199 14.47 -6.39 13.87
C GLN A 199 13.32 -7.24 14.45
N HIS A 200 12.09 -6.84 14.12
CA HIS A 200 10.91 -7.48 14.73
C HIS A 200 9.96 -8.12 13.69
N PHE A 201 10.36 -8.12 12.41
CA PHE A 201 9.60 -8.79 11.42
C PHE A 201 10.49 -9.83 10.80
N GLN A 202 9.91 -10.97 10.46
CA GLN A 202 10.45 -12.00 9.57
C GLN A 202 10.15 -11.54 8.14
N LEU A 203 11.19 -11.24 7.38
CA LEU A 203 11.06 -10.49 6.19
C LEU A 203 11.54 -11.36 5.07
N GLU A 204 10.76 -11.48 3.99
CA GLU A 204 11.04 -12.25 2.78
CA GLU A 204 11.20 -12.17 2.79
C GLU A 204 11.11 -11.23 1.65
N LEU A 205 12.09 -11.33 0.78
CA LEU A 205 12.03 -10.65 -0.52
C LEU A 205 11.18 -11.57 -1.39
N ALA A 206 9.91 -11.21 -1.50
CA ALA A 206 8.92 -11.99 -2.20
C ALA A 206 9.19 -11.97 -3.67
N GLN A 207 9.59 -10.84 -4.22
CA GLN A 207 9.88 -10.72 -5.63
C GLN A 207 10.72 -9.52 -5.88
N ARG A 208 11.68 -9.65 -6.73
CA ARG A 208 12.41 -8.53 -7.27
C ARG A 208 12.14 -8.41 -8.75
N ASP A 209 11.69 -7.22 -9.17
CA ASP A 209 11.46 -6.92 -10.58
C ASP A 209 12.65 -6.12 -10.98
N GLU A 210 13.57 -6.80 -11.62
CA GLU A 210 14.81 -6.20 -12.01
C GLU A 210 14.62 -4.98 -12.94
N ASP A 211 13.75 -5.10 -13.94
CA ASP A 211 13.50 -4.03 -14.90
C ASP A 211 12.96 -2.76 -14.27
N GLU A 212 12.02 -2.90 -13.34
CA GLU A 212 11.51 -1.74 -12.63
C GLU A 212 12.34 -1.31 -11.39
N ASN A 213 13.33 -2.12 -11.01
CA ASN A 213 14.06 -2.01 -9.77
C ASN A 213 13.16 -1.89 -8.54
N VAL A 214 12.11 -2.70 -8.57
CA VAL A 214 11.15 -2.67 -7.49
C VAL A 214 11.29 -4.00 -6.76
N ASN A 215 11.38 -3.93 -5.43
CA ASN A 215 11.32 -5.15 -4.61
C ASN A 215 10.00 -5.21 -3.93
N ILE A 216 9.40 -6.39 -3.85
CA ILE A 216 8.21 -6.66 -3.04
C ILE A 216 8.64 -7.51 -1.86
N TYR A 217 8.43 -6.98 -0.67
CA TYR A 217 8.72 -7.65 0.60
C TYR A 217 7.45 -8.14 1.28
N ARG A 218 7.52 -9.34 1.88
CA ARG A 218 6.47 -9.87 2.67
C ARG A 218 7.01 -9.93 4.08
N ALA A 219 6.32 -9.38 5.04
CA ALA A 219 6.74 -9.43 6.41
C ALA A 219 5.68 -10.04 7.31
N ARG A 220 6.14 -10.72 8.37
CA ARG A 220 5.27 -11.36 9.37
C ARG A 220 5.92 -10.91 10.67
N HIS A 221 5.15 -10.85 11.76
CA HIS A 221 5.77 -10.65 13.09
C HIS A 221 6.87 -11.70 13.33
N ARG A 222 8.02 -11.25 13.81
CA ARG A 222 9.11 -12.21 14.11
C ARG A 222 8.67 -13.12 15.26
N GLU A 223 8.96 -14.41 15.09
CA GLU A 223 8.61 -15.43 16.08
C GLU A 223 9.86 -15.82 16.80
N PRO A 224 9.80 -15.88 18.14
CA PRO A 224 10.88 -16.54 18.84
C PRO A 224 10.93 -17.99 18.37
N ARG A 225 12.13 -18.53 18.30
CA ARG A 225 12.32 -19.90 17.89
C ARG A 225 12.30 -20.81 19.04
N PRO A 226 11.77 -22.02 18.85
CA PRO A 226 11.69 -22.88 19.99
C PRO A 226 12.81 -23.56 20.33
N ALA A 227 13.79 -23.63 19.46
CA ALA A 227 15.04 -24.28 19.74
C ALA A 227 16.16 -23.52 19.05
N SAH B . 0.69 4.06 -2.76
CA SAH B . 0.71 5.07 -3.88
CB SAH B . 1.17 6.45 -3.44
CG SAH B . 2.67 6.50 -3.15
SD SAH B . 3.24 8.20 -2.85
C SAH B . 1.49 4.53 -5.03
O SAH B . 2.36 3.63 -4.76
OXT SAH B . 1.31 4.96 -6.17
C5' SAH B . 3.51 8.18 -1.05
C4' SAH B . 2.16 8.30 -0.30
O4' SAH B . 2.46 8.25 1.11
C3' SAH B . 1.43 9.62 -0.56
O3' SAH B . 0.08 9.46 -0.99
C2' SAH B . 1.54 10.35 0.79
O2' SAH B . 0.55 11.29 1.12
C1' SAH B . 1.65 9.19 1.77
N9 SAH B . 2.28 9.54 3.03
C8 SAH B . 3.48 10.20 3.20
N7 SAH B . 3.72 10.44 4.49
C5 SAH B . 2.66 9.93 5.18
C6 SAH B . 2.32 9.83 6.53
N6 SAH B . 3.11 10.34 7.50
N1 SAH B . 1.15 9.23 6.89
C2 SAH B . 0.37 8.76 5.91
N3 SAH B . 0.56 8.73 4.58
C4 SAH B . 1.71 9.35 4.26
S SO4 C . 15.57 -16.82 18.43
O1 SO4 C . 16.34 -15.76 19.04
O2 SO4 C . 15.24 -16.56 16.98
O3 SO4 C . 16.37 -18.06 18.52
O4 SO4 C . 14.35 -16.97 19.15
S SO4 D . 0.42 19.67 -7.64
O1 SO4 D . 1.68 20.20 -8.26
O2 SO4 D . 0.59 19.19 -6.29
O3 SO4 D . -0.13 18.53 -8.49
O4 SO4 D . -0.54 20.78 -7.61
UNK UNX E . -3.79 7.29 17.45
UNK UNX F . -0.08 6.07 -14.52
UNK UNX G . -12.50 -4.39 15.10
UNK UNX H . -14.05 -2.21 4.33
UNK UNX I . 13.96 10.53 2.95
UNK UNX J . 1.73 -18.70 16.69
UNK UNX K . 12.77 -26.57 22.28
UNK UNX L . 12.42 -12.45 -7.41
UNK UNX M . -6.23 0.81 18.90
UNK UNX N . 15.01 -12.84 4.24
UNK UNX O . 6.10 -1.03 -12.24
UNK UNX P . -15.32 5.49 2.90
UNK UNX Q . 0.23 0.25 -17.21
UNK UNX R . 12.39 6.86 -3.14
#